data_6W4C
#
_entry.id   6W4C
#
_cell.length_a   97.079
_cell.length_b   97.079
_cell.length_c   80.626
_cell.angle_alpha   90.000
_cell.angle_beta   90.000
_cell.angle_gamma   90.000
#
_symmetry.space_group_name_H-M   'I 4'
#
loop_
_entity.id
_entity.type
_entity.pdbx_description
1 polymer 'Hydroxyacid oxidase 1'
2 non-polymer 'FLAVIN MONONUCLEOTIDE'
3 non-polymer '5-[[3-[3-(dimethylamino)-1,2,4-oxadiazol-5-yl]-2-oxidanyl-phenyl]methylamino]-2~{H}-indazole-3-carboxylic acid'
4 water water
#
_entity_poly.entity_id   1
_entity_poly.type   'polypeptide(L)'
_entity_poly.pdbx_seq_one_letter_code
;MLPRLICINDYEQHAKSVLPKSIYDYYRSGANDEETLADNIAAFSRWKLYPRMLRNVAETDLSTSVLGQRVSMPICVGAT
AMQRMAHVDGELATVRACQSLGTGMMLSSWATSSIEEVAEAGPEALRWLQLYIYKDREVTKKLVRQAEKMGYKAIFVTVD
TPYLGNRLDDVRNRFKLPPQLRMKNFETSTLSFSPEENFGDDSGLAAYVAKAIDPSISWEDIKWLRRLTSLPIVAKGILR
GDDAREAVKHGLNGILVSNHGARQLDGVPATIDVLPEIVEAVEGKVEVFLDGGVRKGTDVLKALALGAKAVFVGRPIVWG
LAFQGEKGVQDVLEILKEEFRLAMALSGCQNVKVIDKTLVRKNPLAVS
;
_entity_poly.pdbx_strand_id   A
#
loop_
_chem_comp.id
_chem_comp.type
_chem_comp.name
_chem_comp.formula
FMN non-polymer 'FLAVIN MONONUCLEOTIDE' 'C17 H21 N4 O9 P'
SL7 non-polymer '5-[[3-[3-(dimethylamino)-1,2,4-oxadiazol-5-yl]-2-oxidanyl-phenyl]methylamino]-2~{H}-indazole-3-carboxylic acid' 'C19 H18 N6 O4'
#
# COMPACT_ATOMS: atom_id res chain seq x y z
N MET A 1 -12.52 18.75 -13.97
CA MET A 1 -11.13 19.24 -14.19
C MET A 1 -10.74 20.21 -13.07
N PRO A 3 -9.46 22.83 -10.33
CA PRO A 3 -8.13 23.45 -10.40
C PRO A 3 -7.13 22.50 -11.05
N ARG A 4 -5.95 23.02 -11.41
CA ARG A 4 -4.87 22.26 -12.10
C ARG A 4 -3.97 21.59 -11.05
N LEU A 5 -4.09 20.27 -10.92
CA LEU A 5 -3.33 19.45 -9.94
C LEU A 5 -2.32 18.60 -10.72
N ILE A 6 -1.03 18.84 -10.54
CA ILE A 6 0.00 18.23 -11.43
C ILE A 6 0.92 17.28 -10.65
N CYS A 7 0.84 17.26 -9.32
CA CYS A 7 1.60 16.31 -8.47
C CYS A 7 0.72 15.85 -7.31
N ILE A 8 1.14 14.82 -6.59
CA ILE A 8 0.33 14.25 -5.49
C ILE A 8 0.10 15.32 -4.42
N ASN A 9 1.09 16.14 -4.10
CA ASN A 9 0.90 17.16 -3.03
C ASN A 9 -0.25 18.09 -3.41
N ASP A 10 -0.44 18.38 -4.70
CA ASP A 10 -1.55 19.28 -5.16
C ASP A 10 -2.89 18.65 -4.80
N TYR A 11 -3.00 17.32 -4.95
CA TYR A 11 -4.24 16.57 -4.63
C TYR A 11 -4.51 16.67 -3.13
N GLU A 12 -3.48 16.59 -2.30
CA GLU A 12 -3.68 16.69 -0.85
C GLU A 12 -4.23 18.09 -0.52
N GLN A 13 -3.61 19.13 -1.09
CA GLN A 13 -3.94 20.53 -0.75
C GLN A 13 -5.39 20.77 -1.19
N HIS A 14 -5.81 20.22 -2.33
CA HIS A 14 -7.20 20.33 -2.82
C HIS A 14 -8.16 19.60 -1.87
N ALA A 15 -7.81 18.39 -1.44
CA ALA A 15 -8.63 17.59 -0.51
C ALA A 15 -8.85 18.37 0.80
N LYS A 16 -7.81 19.04 1.33
CA LYS A 16 -7.92 19.86 2.56
C LYS A 16 -8.98 20.94 2.33
N SER A 17 -9.05 21.50 1.12
CA SER A 17 -9.95 22.64 0.78
C SER A 17 -11.41 22.18 0.70
N VAL A 18 -11.69 20.92 0.33
CA VAL A 18 -13.08 20.45 0.04
C VAL A 18 -13.62 19.49 1.13
N LEU A 19 -12.77 18.76 1.85
CA LEU A 19 -13.24 17.80 2.90
C LEU A 19 -13.57 18.56 4.18
N PRO A 20 -14.59 18.12 4.95
CA PRO A 20 -14.73 18.58 6.33
C PRO A 20 -13.43 18.30 7.10
N LYS A 21 -13.04 19.22 7.98
CA LYS A 21 -11.75 19.18 8.71
C LYS A 21 -11.57 17.84 9.40
N SER A 22 -12.62 17.32 10.06
CA SER A 22 -12.55 16.05 10.85
C SER A 22 -12.18 14.89 9.92
N ILE A 23 -12.69 14.87 8.69
CA ILE A 23 -12.46 13.79 7.69
C ILE A 23 -11.03 13.95 7.14
N TYR A 24 -10.65 15.17 6.75
CA TYR A 24 -9.27 15.45 6.28
C TYR A 24 -8.28 15.02 7.36
N ASP A 25 -8.53 15.40 8.61
CA ASP A 25 -7.64 15.11 9.76
C ASP A 25 -7.53 13.59 9.96
N TYR A 26 -8.64 12.86 9.86
CA TYR A 26 -8.66 11.38 9.98
C TYR A 26 -7.70 10.78 8.95
N TYR A 27 -7.79 11.25 7.70
CA TYR A 27 -6.98 10.70 6.58
C TYR A 27 -5.50 11.09 6.74
N ARG A 28 -5.24 12.33 7.13
CA ARG A 28 -3.88 12.94 7.13
C ARG A 28 -3.06 12.36 8.29
N SER A 29 -3.70 12.13 9.43
CA SER A 29 -3.02 12.06 10.75
C SER A 29 -2.09 10.84 10.82
N GLY A 30 -1.05 10.98 11.64
CA GLY A 30 -0.23 9.86 12.13
C GLY A 30 -0.46 9.70 13.62
N ALA A 31 0.26 8.78 14.24
CA ALA A 31 0.14 8.51 15.70
C ALA A 31 0.88 9.57 16.51
N ASN A 32 0.27 10.00 17.62
CA ASN A 32 0.96 10.79 18.68
C ASN A 32 1.60 12.03 18.03
N ASP A 33 2.90 12.24 18.19
CA ASP A 33 3.56 13.50 17.72
C ASP A 33 3.90 13.44 16.23
N GLU A 34 3.59 12.33 15.53
CA GLU A 34 3.68 12.23 14.05
C GLU A 34 5.14 12.34 13.60
N GLU A 35 6.07 11.82 14.39
CA GLU A 35 7.51 11.79 14.03
C GLU A 35 7.70 10.88 12.82
N THR A 36 7.09 9.70 12.86
CA THR A 36 7.26 8.70 11.78
C THR A 36 6.53 9.22 10.52
N LEU A 37 5.40 9.90 10.68
CA LEU A 37 4.66 10.48 9.52
C LEU A 37 5.61 11.37 8.71
N ALA A 38 6.35 12.25 9.40
CA ALA A 38 7.29 13.17 8.73
C ALA A 38 8.44 12.35 8.14
N ASP A 39 8.93 11.34 8.88
CA ASP A 39 10.13 10.55 8.49
C ASP A 39 9.83 9.65 7.28
N ASN A 40 8.61 9.14 7.11
CA ASN A 40 8.27 8.30 5.92
C ASN A 40 8.58 9.06 4.64
N ILE A 41 8.34 10.37 4.64
CA ILE A 41 8.63 11.27 3.49
C ILE A 41 10.10 11.73 3.55
N ALA A 42 10.62 12.18 4.69
CA ALA A 42 11.98 12.77 4.78
C ALA A 42 13.02 11.71 4.40
N ALA A 43 12.77 10.45 4.75
CA ALA A 43 13.74 9.35 4.57
C ALA A 43 13.99 9.15 3.07
N PHE A 44 12.98 9.30 2.22
CA PHE A 44 13.15 9.14 0.76
C PHE A 44 14.19 10.16 0.27
N SER A 45 14.15 11.39 0.79
CA SER A 45 15.03 12.49 0.32
CA SER A 45 15.04 12.47 0.29
C SER A 45 16.49 12.19 0.69
N ARG A 46 16.74 11.42 1.76
CA ARG A 46 18.13 11.13 2.20
C ARG A 46 18.79 10.10 1.28
N TRP A 47 18.01 9.26 0.62
CA TRP A 47 18.52 8.30 -0.39
C TRP A 47 18.75 9.06 -1.69
N LYS A 48 19.99 9.11 -2.15
CA LYS A 48 20.36 9.90 -3.36
C LYS A 48 20.49 8.96 -4.55
N LEU A 49 20.13 9.46 -5.72
CA LEU A 49 20.11 8.68 -6.97
C LEU A 49 21.40 8.93 -7.73
N TYR A 50 21.96 7.87 -8.30
CA TYR A 50 23.21 7.88 -9.09
C TYR A 50 22.90 7.38 -10.49
N PRO A 51 22.35 8.26 -11.37
CA PRO A 51 21.83 7.84 -12.67
C PRO A 51 22.94 7.46 -13.64
N ARG A 52 22.67 6.42 -14.43
CA ARG A 52 23.50 6.02 -15.59
C ARG A 52 23.05 6.79 -16.83
N MET A 53 24.01 7.27 -17.62
CA MET A 53 23.74 8.06 -18.84
C MET A 53 23.91 7.14 -20.06
N LEU A 54 23.26 7.49 -21.17
CA LEU A 54 23.55 6.90 -22.51
C LEU A 54 23.24 5.40 -22.55
N ARG A 55 22.06 5.02 -22.04
N ARG A 55 22.07 5.00 -22.04
CA ARG A 55 21.61 3.60 -21.93
CA ARG A 55 21.66 3.56 -21.97
C ARG A 55 20.64 3.22 -23.07
C ARG A 55 20.43 3.26 -22.85
N ASN A 56 19.99 4.19 -23.69
CA ASN A 56 18.85 3.99 -24.65
C ASN A 56 17.56 3.69 -23.87
N VAL A 57 16.77 4.73 -23.60
CA VAL A 57 15.54 4.63 -22.78
C VAL A 57 14.35 5.08 -23.63
N ALA A 58 14.43 4.88 -24.95
CA ALA A 58 13.37 5.21 -25.91
C ALA A 58 12.06 4.49 -25.55
N GLU A 59 12.13 3.23 -25.12
CA GLU A 59 10.87 2.43 -24.99
C GLU A 59 10.75 1.86 -23.58
N THR A 60 10.67 2.76 -22.58
N THR A 60 10.64 2.75 -22.58
CA THR A 60 10.63 2.39 -21.15
CA THR A 60 10.64 2.39 -21.13
C THR A 60 9.42 1.47 -20.93
C THR A 60 9.41 1.54 -20.79
N ASP A 61 9.66 0.34 -20.27
CA ASP A 61 8.62 -0.67 -19.96
C ASP A 61 8.52 -0.73 -18.43
N LEU A 62 7.36 -0.34 -17.90
CA LEU A 62 7.13 -0.21 -16.44
C LEU A 62 6.54 -1.50 -15.89
N SER A 63 6.21 -2.46 -16.75
CA SER A 63 5.41 -3.64 -16.33
C SER A 63 6.24 -4.53 -15.41
N THR A 64 5.57 -5.21 -14.48
CA THR A 64 6.23 -6.19 -13.58
C THR A 64 5.17 -7.21 -13.20
N SER A 65 5.45 -7.99 -12.17
CA SER A 65 4.49 -8.98 -11.64
C SER A 65 4.48 -8.87 -10.12
N VAL A 66 3.32 -9.05 -9.54
CA VAL A 66 3.13 -9.10 -8.07
C VAL A 66 2.56 -10.49 -7.76
N LEU A 67 3.32 -11.34 -7.06
CA LEU A 67 2.87 -12.68 -6.62
C LEU A 67 2.38 -13.49 -7.83
N GLY A 68 3.09 -13.37 -8.96
CA GLY A 68 2.83 -14.14 -10.20
C GLY A 68 1.82 -13.51 -11.13
N GLN A 69 1.20 -12.37 -10.78
CA GLN A 69 0.18 -11.70 -11.62
C GLN A 69 0.81 -10.47 -12.27
N ARG A 70 0.65 -10.30 -13.58
CA ARG A 70 1.24 -9.15 -14.31
C ARG A 70 0.52 -7.86 -13.90
N VAL A 71 1.28 -6.78 -13.75
CA VAL A 71 0.74 -5.41 -13.52
C VAL A 71 1.46 -4.46 -14.49
N SER A 72 0.82 -3.34 -14.80
CA SER A 72 1.30 -2.33 -15.77
C SER A 72 2.46 -1.53 -15.18
N MET A 73 2.60 -1.52 -13.85
CA MET A 73 3.60 -0.69 -13.15
C MET A 73 3.74 -1.22 -11.73
N PRO A 74 4.90 -1.00 -11.08
CA PRO A 74 5.14 -1.51 -9.72
C PRO A 74 4.59 -0.55 -8.66
N ILE A 75 3.36 -0.08 -8.90
CA ILE A 75 2.66 0.94 -8.08
C ILE A 75 1.22 0.46 -7.96
N CYS A 76 0.81 0.07 -6.75
CA CYS A 76 -0.50 -0.58 -6.51
C CYS A 76 -1.23 0.18 -5.42
N VAL A 77 -2.54 -0.01 -5.34
CA VAL A 77 -3.41 0.70 -4.37
C VAL A 77 -3.43 -0.09 -3.05
N GLY A 78 -3.05 0.56 -1.96
CA GLY A 78 -3.08 -0.04 -0.62
C GLY A 78 -4.44 0.08 0.02
N ALA A 79 -4.70 -0.73 1.03
CA ALA A 79 -5.97 -0.77 1.78
C ALA A 79 -6.15 0.54 2.56
N THR A 80 -7.28 1.21 2.38
CA THR A 80 -7.67 2.37 3.23
C THR A 80 -9.15 2.19 3.55
N ALA A 81 -9.47 2.08 4.83
CA ALA A 81 -10.82 1.79 5.34
C ALA A 81 -11.80 2.88 4.85
N MET A 82 -13.04 2.46 4.55
CA MET A 82 -14.25 3.31 4.39
C MET A 82 -13.98 4.49 3.46
N GLN A 83 -13.67 4.16 2.20
CA GLN A 83 -13.40 5.14 1.12
C GLN A 83 -14.65 5.97 0.79
N ARG A 84 -15.85 5.47 1.12
CA ARG A 84 -17.12 6.20 0.84
C ARG A 84 -17.19 7.53 1.62
N MET A 85 -16.33 7.75 2.61
CA MET A 85 -16.23 9.06 3.31
C MET A 85 -15.63 10.12 2.39
N ALA A 86 -14.76 9.71 1.45
CA ALA A 86 -14.04 10.61 0.53
C ALA A 86 -14.90 10.91 -0.70
N HIS A 87 -15.68 9.92 -1.15
CA HIS A 87 -16.52 10.01 -2.38
C HIS A 87 -17.64 8.98 -2.34
N VAL A 88 -18.81 9.31 -2.87
CA VAL A 88 -20.03 8.45 -2.83
C VAL A 88 -19.73 7.06 -3.41
N ASP A 89 -18.85 6.94 -4.41
CA ASP A 89 -18.56 5.68 -5.12
C ASP A 89 -17.51 4.84 -4.36
N GLY A 90 -16.75 5.46 -3.45
CA GLY A 90 -15.77 4.79 -2.58
C GLY A 90 -14.94 3.74 -3.32
N GLU A 91 -14.93 2.51 -2.80
CA GLU A 91 -14.08 1.40 -3.28
C GLU A 91 -14.45 1.03 -4.73
N LEU A 92 -15.69 1.28 -5.17
CA LEU A 92 -16.07 0.93 -6.56
C LEU A 92 -15.34 1.86 -7.54
N ALA A 93 -15.23 3.15 -7.21
CA ALA A 93 -14.43 4.15 -7.97
C ALA A 93 -12.98 3.69 -8.04
N THR A 94 -12.42 3.29 -6.89
CA THR A 94 -11.01 2.87 -6.79
C THR A 94 -10.76 1.67 -7.71
N VAL A 95 -11.60 0.62 -7.64
CA VAL A 95 -11.32 -0.63 -8.40
C VAL A 95 -11.48 -0.34 -9.91
N ARG A 96 -12.38 0.56 -10.28
CA ARG A 96 -12.61 0.92 -11.71
C ARG A 96 -11.35 1.61 -12.23
N ALA A 97 -10.73 2.48 -11.43
CA ALA A 97 -9.47 3.18 -11.79
C ALA A 97 -8.33 2.15 -11.93
N CYS A 98 -8.21 1.19 -11.01
CA CYS A 98 -7.16 0.14 -11.07
C CYS A 98 -7.33 -0.71 -12.34
N GLN A 99 -8.56 -1.07 -12.67
CA GLN A 99 -8.88 -1.83 -13.91
C GLN A 99 -8.36 -1.05 -15.12
N SER A 100 -8.63 0.26 -15.17
CA SER A 100 -8.21 1.16 -16.29
C SER A 100 -6.68 1.18 -16.38
N LEU A 101 -5.99 1.28 -15.25
CA LEU A 101 -4.51 1.45 -15.19
C LEU A 101 -3.80 0.11 -15.43
N GLY A 102 -4.45 -1.01 -15.14
CA GLY A 102 -3.82 -2.34 -15.21
C GLY A 102 -2.96 -2.59 -13.99
N THR A 103 -3.30 -1.99 -12.86
CA THR A 103 -2.61 -2.28 -11.56
C THR A 103 -3.58 -2.94 -10.58
N GLY A 104 -3.05 -3.36 -9.44
CA GLY A 104 -3.82 -4.10 -8.42
C GLY A 104 -4.37 -3.18 -7.35
N MET A 105 -5.50 -3.59 -6.78
CA MET A 105 -6.14 -2.92 -5.63
C MET A 105 -6.18 -3.90 -4.45
N MET A 106 -5.64 -3.46 -3.31
CA MET A 106 -5.81 -4.12 -2.00
C MET A 106 -7.05 -3.52 -1.33
N LEU A 107 -8.11 -4.33 -1.16
CA LEU A 107 -9.38 -3.91 -0.52
C LEU A 107 -9.28 -4.09 0.99
N SER A 108 -9.54 -3.03 1.75
CA SER A 108 -9.61 -3.06 3.22
C SER A 108 -10.67 -4.07 3.66
N SER A 109 -10.46 -4.87 4.71
CA SER A 109 -11.57 -5.73 5.20
C SER A 109 -12.55 -4.87 6.02
N TRP A 110 -12.23 -3.59 6.22
CA TRP A 110 -13.19 -2.61 6.80
C TRP A 110 -13.63 -1.60 5.72
N ALA A 111 -14.19 -2.11 4.63
CA ALA A 111 -14.62 -1.33 3.45
C ALA A 111 -16.10 -0.98 3.54
N THR A 112 -16.50 0.08 2.84
CA THR A 112 -17.89 0.58 2.68
C THR A 112 -18.52 -0.01 1.42
N SER A 113 -17.86 -1.02 0.82
CA SER A 113 -18.38 -1.87 -0.27
C SER A 113 -18.03 -3.33 0.04
N SER A 114 -18.94 -4.24 -0.29
CA SER A 114 -18.76 -5.69 -0.06
C SER A 114 -17.68 -6.24 -1.02
N ILE A 115 -17.05 -7.34 -0.61
CA ILE A 115 -16.08 -8.10 -1.45
C ILE A 115 -16.72 -8.40 -2.81
N GLU A 116 -18.00 -8.82 -2.82
CA GLU A 116 -18.72 -9.15 -4.07
C GLU A 116 -18.90 -7.89 -4.92
N GLU A 117 -19.33 -6.78 -4.32
CA GLU A 117 -19.62 -5.49 -5.02
C GLU A 117 -18.35 -5.00 -5.72
N VAL A 118 -17.23 -5.01 -5.01
CA VAL A 118 -15.94 -4.55 -5.59
C VAL A 118 -15.57 -5.48 -6.76
N ALA A 119 -15.75 -6.80 -6.63
CA ALA A 119 -15.43 -7.79 -7.69
C ALA A 119 -16.35 -7.55 -8.90
N GLU A 120 -17.60 -7.19 -8.67
CA GLU A 120 -18.59 -6.93 -9.76
C GLU A 120 -18.25 -5.61 -10.46
N ALA A 121 -17.72 -4.61 -9.76
CA ALA A 121 -17.35 -3.29 -10.33
C ALA A 121 -16.03 -3.40 -11.10
N GLY A 122 -15.12 -4.26 -10.65
CA GLY A 122 -13.79 -4.47 -11.28
C GLY A 122 -13.52 -5.93 -11.59
N PRO A 123 -14.34 -6.58 -12.45
CA PRO A 123 -14.20 -8.02 -12.70
C PRO A 123 -12.85 -8.39 -13.33
N GLU A 124 -12.27 -7.47 -14.12
CA GLU A 124 -10.99 -7.68 -14.84
C GLU A 124 -9.81 -7.11 -14.05
N ALA A 125 -10.07 -6.45 -12.92
CA ALA A 125 -9.04 -5.79 -12.09
C ALA A 125 -8.28 -6.86 -11.29
N LEU A 126 -6.98 -6.66 -11.09
CA LEU A 126 -6.20 -7.48 -10.12
C LEU A 126 -6.60 -6.99 -8.72
N ARG A 127 -7.13 -7.90 -7.90
CA ARG A 127 -7.75 -7.56 -6.60
C ARG A 127 -7.16 -8.47 -5.53
N TRP A 128 -6.79 -7.87 -4.39
CA TRP A 128 -6.34 -8.60 -3.19
C TRP A 128 -7.19 -8.17 -2.00
N LEU A 129 -7.30 -9.04 -1.01
CA LEU A 129 -8.04 -8.72 0.23
C LEU A 129 -7.05 -8.48 1.35
N GLN A 130 -7.16 -7.32 1.99
CA GLN A 130 -6.51 -7.05 3.28
C GLN A 130 -7.40 -7.64 4.37
N LEU A 131 -6.79 -8.36 5.30
CA LEU A 131 -7.48 -9.13 6.34
C LEU A 131 -6.92 -8.73 7.71
N TYR A 132 -7.79 -8.49 8.67
CA TYR A 132 -7.48 -8.58 10.11
C TYR A 132 -7.98 -9.94 10.58
N ILE A 133 -7.23 -10.60 11.45
CA ILE A 133 -7.75 -11.81 12.16
C ILE A 133 -8.61 -11.27 13.32
N TYR A 134 -9.92 -11.20 13.09
CA TYR A 134 -10.90 -10.62 14.05
C TYR A 134 -11.05 -11.60 15.21
N LYS A 135 -11.49 -11.09 16.36
CA LYS A 135 -11.82 -11.98 17.50
C LYS A 135 -12.80 -13.06 17.02
N ASP A 136 -13.74 -12.67 16.15
CA ASP A 136 -14.70 -13.61 15.53
C ASP A 136 -13.97 -14.30 14.37
N ARG A 137 -13.47 -15.51 14.59
CA ARG A 137 -12.75 -16.29 13.55
C ARG A 137 -13.74 -16.78 12.49
N GLU A 138 -15.04 -16.86 12.81
CA GLU A 138 -16.05 -17.31 11.81
C GLU A 138 -16.14 -16.25 10.72
N VAL A 139 -16.23 -14.97 11.07
CA VAL A 139 -16.33 -13.90 10.04
C VAL A 139 -14.98 -13.77 9.32
N THR A 140 -13.85 -14.00 10.00
CA THR A 140 -12.51 -14.00 9.36
C THR A 140 -12.50 -15.06 8.25
N LYS A 141 -12.87 -16.29 8.58
CA LYS A 141 -12.99 -17.42 7.62
C LYS A 141 -13.91 -17.03 6.45
N LYS A 142 -15.06 -16.42 6.74
CA LYS A 142 -16.08 -16.05 5.72
C LYS A 142 -15.48 -15.07 4.72
N LEU A 143 -14.69 -14.09 5.18
CA LEU A 143 -14.02 -13.10 4.29
C LEU A 143 -13.05 -13.81 3.35
N VAL A 144 -12.23 -14.71 3.87
CA VAL A 144 -11.21 -15.46 3.07
C VAL A 144 -11.96 -16.29 2.03
N ARG A 145 -13.03 -16.99 2.41
CA ARG A 145 -13.82 -17.83 1.46
C ARG A 145 -14.44 -16.92 0.38
N GLN A 146 -14.97 -15.75 0.75
CA GLN A 146 -15.56 -14.76 -0.19
C GLN A 146 -14.49 -14.30 -1.19
N ALA A 147 -13.29 -13.99 -0.68
CA ALA A 147 -12.14 -13.54 -1.51
C ALA A 147 -11.83 -14.62 -2.55
N GLU A 148 -11.71 -15.86 -2.12
CA GLU A 148 -11.43 -17.03 -3.00
C GLU A 148 -12.50 -17.10 -4.10
N LYS A 149 -13.78 -17.09 -3.70
CA LYS A 149 -14.94 -17.29 -4.62
C LYS A 149 -15.02 -16.15 -5.62
N MET A 150 -14.69 -14.92 -5.22
CA MET A 150 -14.89 -13.68 -6.03
C MET A 150 -13.61 -13.29 -6.79
N GLY A 151 -12.62 -14.18 -6.89
CA GLY A 151 -11.48 -14.07 -7.81
C GLY A 151 -10.38 -13.14 -7.32
N TYR A 152 -10.28 -12.91 -6.00
CA TYR A 152 -9.16 -12.18 -5.37
C TYR A 152 -7.93 -13.10 -5.38
N LYS A 153 -6.73 -12.54 -5.55
CA LYS A 153 -5.51 -13.32 -5.93
C LYS A 153 -4.55 -13.45 -4.74
N ALA A 154 -4.81 -12.75 -3.63
CA ALA A 154 -3.96 -12.86 -2.43
C ALA A 154 -4.66 -12.27 -1.22
N ILE A 155 -4.18 -12.67 -0.04
CA ILE A 155 -4.58 -12.13 1.28
C ILE A 155 -3.40 -11.34 1.81
N PHE A 156 -3.61 -10.07 2.15
CA PHE A 156 -2.62 -9.28 2.92
C PHE A 156 -3.10 -9.29 4.36
N VAL A 157 -2.44 -10.04 5.24
CA VAL A 157 -2.82 -10.09 6.68
C VAL A 157 -2.06 -8.99 7.41
N THR A 158 -2.77 -8.05 8.00
CA THR A 158 -2.16 -6.93 8.73
C THR A 158 -1.75 -7.43 10.11
N VAL A 159 -0.49 -7.27 10.48
CA VAL A 159 0.06 -7.89 11.72
C VAL A 159 0.56 -6.82 12.70
N ASP A 160 0.36 -5.52 12.42
CA ASP A 160 0.92 -4.42 13.26
C ASP A 160 -0.19 -3.75 14.09
N THR A 161 -1.37 -4.36 14.19
CA THR A 161 -2.57 -3.70 14.78
C THR A 161 -3.24 -4.63 15.79
N PRO A 162 -2.55 -5.02 16.89
CA PRO A 162 -3.23 -5.71 17.99
C PRO A 162 -4.26 -4.79 18.66
N TYR A 163 -3.96 -3.48 18.63
CA TYR A 163 -4.82 -2.35 19.04
C TYR A 163 -4.65 -1.24 18.00
N LEU A 164 -5.60 -0.30 17.92
CA LEU A 164 -5.48 0.89 17.05
C LEU A 164 -4.55 1.93 17.68
N GLY A 165 -3.73 2.58 16.85
CA GLY A 165 -2.85 3.68 17.27
C GLY A 165 -3.63 4.85 17.83
N ASN A 166 -2.94 5.69 18.58
CA ASN A 166 -3.49 6.92 19.22
C ASN A 166 -3.24 8.10 18.27
N ARG A 167 -4.20 8.41 17.41
CA ARG A 167 -4.13 9.59 16.50
C ARG A 167 -4.88 10.72 17.21
N LEU A 168 -4.16 11.77 17.62
CA LEU A 168 -4.67 12.80 18.58
C LEU A 168 -5.87 13.54 17.97
N ASP A 169 -5.82 13.92 16.69
CA ASP A 169 -6.91 14.69 16.04
C ASP A 169 -8.22 13.90 16.09
N ASP A 170 -8.19 12.57 15.91
CA ASP A 170 -9.40 11.71 15.95
C ASP A 170 -10.02 11.77 17.34
N VAL A 171 -9.17 11.84 18.39
CA VAL A 171 -9.62 11.90 19.81
C VAL A 171 -10.24 13.29 20.05
N ARG A 172 -9.65 14.36 19.49
CA ARG A 172 -10.18 15.75 19.61
C ARG A 172 -11.54 15.84 18.90
N ASN A 173 -11.68 15.24 17.71
CA ASN A 173 -12.89 15.35 16.85
C ASN A 173 -13.91 14.24 17.17
N ARG A 174 -13.60 13.32 18.10
CA ARG A 174 -14.39 12.09 18.37
C ARG A 174 -14.50 11.28 17.07
N PHE A 175 -15.69 10.77 16.73
CA PHE A 175 -16.00 10.06 15.46
C PHE A 175 -17.31 10.59 14.88
N LYS A 184 -19.79 -3.20 5.75
CA LYS A 184 -20.45 -3.72 4.52
C LYS A 184 -19.97 -5.14 4.19
N ASN A 185 -19.43 -5.88 5.16
CA ASN A 185 -19.03 -7.31 5.03
C ASN A 185 -19.28 -8.07 6.34
N PHE A 186 -20.04 -7.49 7.27
CA PHE A 186 -20.23 -8.01 8.66
C PHE A 186 -21.73 -8.04 9.01
N GLY A 204 -16.84 1.86 12.10
CA GLY A 204 -17.00 3.31 11.77
C GLY A 204 -16.52 4.19 12.91
N LEU A 205 -16.91 3.84 14.14
CA LEU A 205 -16.38 4.42 15.41
C LEU A 205 -15.19 3.56 15.83
N ALA A 206 -14.13 4.18 16.37
CA ALA A 206 -12.93 3.48 16.89
C ALA A 206 -13.39 2.48 17.95
N ALA A 207 -14.42 2.83 18.73
CA ALA A 207 -15.05 1.96 19.75
C ALA A 207 -15.34 0.58 19.15
N TYR A 208 -16.16 0.52 18.10
CA TYR A 208 -16.64 -0.74 17.46
C TYR A 208 -15.48 -1.48 16.80
N VAL A 209 -14.56 -0.78 16.13
CA VAL A 209 -13.37 -1.41 15.46
C VAL A 209 -12.46 -2.01 16.54
N ALA A 210 -12.20 -1.27 17.62
CA ALA A 210 -11.34 -1.71 18.75
C ALA A 210 -11.88 -3.01 19.35
N LYS A 211 -13.22 -3.08 19.50
CA LYS A 211 -13.95 -4.26 20.05
C LYS A 211 -13.81 -5.47 19.09
N ALA A 212 -13.57 -5.25 17.80
CA ALA A 212 -13.57 -6.32 16.77
C ALA A 212 -12.18 -6.97 16.64
N ILE A 213 -11.12 -6.18 16.80
CA ILE A 213 -9.72 -6.62 16.50
C ILE A 213 -9.15 -7.37 17.70
N ASP A 214 -8.51 -8.51 17.44
CA ASP A 214 -7.98 -9.43 18.46
C ASP A 214 -6.55 -9.04 18.84
N PRO A 215 -6.30 -8.59 20.08
CA PRO A 215 -4.93 -8.30 20.52
C PRO A 215 -4.09 -9.54 20.86
N SER A 216 -4.69 -10.73 20.85
CA SER A 216 -4.01 -12.00 21.22
C SER A 216 -3.34 -12.63 20.00
N ILE A 217 -3.47 -12.05 18.80
CA ILE A 217 -2.99 -12.70 17.55
C ILE A 217 -1.50 -13.05 17.69
N SER A 218 -1.15 -14.29 17.37
CA SER A 218 0.23 -14.82 17.50
C SER A 218 0.60 -15.53 16.20
N TRP A 219 1.83 -16.05 16.14
CA TRP A 219 2.31 -16.88 15.01
C TRP A 219 1.44 -18.13 14.89
N GLU A 220 0.83 -18.59 15.99
CA GLU A 220 -0.13 -19.74 15.95
C GLU A 220 -1.31 -19.40 15.05
N ASP A 221 -1.77 -18.15 15.06
CA ASP A 221 -2.93 -17.68 14.24
C ASP A 221 -2.50 -17.55 12.77
N ILE A 222 -1.23 -17.22 12.52
CA ILE A 222 -0.67 -17.22 11.14
C ILE A 222 -0.69 -18.67 10.62
N LYS A 223 -0.31 -19.64 11.45
CA LYS A 223 -0.35 -21.09 11.06
C LYS A 223 -1.77 -21.46 10.65
N TRP A 224 -2.76 -21.05 11.44
CA TRP A 224 -4.20 -21.30 11.18
C TRP A 224 -4.59 -20.69 9.84
N LEU A 225 -4.19 -19.43 9.58
CA LEU A 225 -4.54 -18.74 8.32
C LEU A 225 -3.87 -19.47 7.15
N ARG A 226 -2.62 -19.90 7.30
CA ARG A 226 -1.85 -20.58 6.23
C ARG A 226 -2.56 -21.89 5.86
N ARG A 227 -3.19 -22.55 6.84
CA ARG A 227 -3.89 -23.85 6.65
C ARG A 227 -5.27 -23.60 6.01
N LEU A 228 -5.86 -22.43 6.25
CA LEU A 228 -7.25 -22.06 5.86
C LEU A 228 -7.34 -21.86 4.34
N THR A 229 -6.31 -21.30 3.69
CA THR A 229 -6.36 -20.92 2.26
C THR A 229 -5.09 -21.35 1.53
N SER A 230 -5.21 -21.70 0.25
CA SER A 230 -4.06 -21.89 -0.66
C SER A 230 -3.71 -20.56 -1.35
N LEU A 231 -4.50 -19.51 -1.16
CA LEU A 231 -4.15 -18.18 -1.73
C LEU A 231 -2.79 -17.75 -1.20
N PRO A 232 -2.02 -16.99 -2.00
CA PRO A 232 -0.80 -16.35 -1.50
C PRO A 232 -1.16 -15.46 -0.32
N ILE A 233 -0.34 -15.47 0.73
CA ILE A 233 -0.55 -14.62 1.94
C ILE A 233 0.67 -13.72 2.10
N VAL A 234 0.45 -12.41 2.23
CA VAL A 234 1.55 -11.44 2.50
C VAL A 234 1.38 -10.93 3.93
N ALA A 235 2.45 -10.92 4.72
CA ALA A 235 2.47 -10.29 6.07
C ALA A 235 2.66 -8.79 5.87
N LYS A 236 1.65 -8.00 6.26
CA LYS A 236 1.65 -6.51 6.11
C LYS A 236 1.93 -5.88 7.48
N GLY A 237 3.03 -5.14 7.59
CA GLY A 237 3.35 -4.38 8.80
C GLY A 237 4.61 -4.86 9.49
N ILE A 238 5.42 -5.68 8.82
CA ILE A 238 6.73 -6.18 9.35
C ILE A 238 7.78 -5.07 9.26
N LEU A 239 8.52 -4.85 10.33
CA LEU A 239 9.61 -3.84 10.40
C LEU A 239 10.92 -4.46 10.87
N ARG A 240 10.96 -5.73 11.26
CA ARG A 240 12.20 -6.39 11.77
C ARG A 240 12.58 -7.56 10.87
N GLY A 241 13.86 -7.70 10.59
CA GLY A 241 14.40 -8.86 9.84
C GLY A 241 14.02 -10.18 10.47
N ASP A 242 14.06 -10.28 11.81
CA ASP A 242 13.77 -11.57 12.48
C ASP A 242 12.30 -11.95 12.28
N ASP A 243 11.37 -10.97 12.33
CA ASP A 243 9.94 -11.22 12.03
C ASP A 243 9.75 -11.62 10.57
N ALA A 244 10.49 -11.00 9.63
CA ALA A 244 10.41 -11.36 8.19
C ALA A 244 10.81 -12.83 8.01
N ARG A 245 11.87 -13.26 8.70
CA ARG A 245 12.38 -14.65 8.60
C ARG A 245 11.32 -15.62 9.15
N GLU A 246 10.66 -15.25 10.25
CA GLU A 246 9.59 -16.09 10.84
C GLU A 246 8.43 -16.19 9.84
N ALA A 247 8.08 -15.11 9.14
CA ALA A 247 6.97 -15.14 8.17
C ALA A 247 7.31 -16.13 7.04
N VAL A 248 8.55 -16.14 6.58
CA VAL A 248 9.02 -17.09 5.53
C VAL A 248 8.89 -18.53 6.09
N LYS A 249 9.35 -18.75 7.31
CA LYS A 249 9.31 -20.08 7.98
C LYS A 249 7.87 -20.59 8.11
N HIS A 250 6.88 -19.70 8.23
CA HIS A 250 5.43 -20.03 8.36
C HIS A 250 4.78 -20.24 6.98
N GLY A 251 5.56 -20.14 5.90
CA GLY A 251 5.07 -20.45 4.55
C GLY A 251 4.27 -19.31 3.95
N LEU A 252 4.47 -18.07 4.42
CA LEU A 252 3.85 -16.89 3.77
C LEU A 252 4.65 -16.57 2.50
N ASN A 253 4.03 -15.80 1.62
CA ASN A 253 4.47 -15.65 0.21
C ASN A 253 4.98 -14.24 -0.06
N GLY A 254 5.02 -13.38 0.95
CA GLY A 254 5.54 -12.01 0.76
C GLY A 254 5.54 -11.24 2.05
N ILE A 255 6.29 -10.14 2.06
CA ILE A 255 6.37 -9.20 3.21
C ILE A 255 6.05 -7.82 2.66
N LEU A 256 5.06 -7.15 3.24
CA LEU A 256 4.82 -5.71 2.96
C LEU A 256 5.40 -4.93 4.12
N VAL A 257 6.56 -4.34 3.88
CA VAL A 257 7.28 -3.48 4.84
C VAL A 257 6.43 -2.22 4.98
N SER A 258 5.85 -2.03 6.15
CA SER A 258 4.79 -1.02 6.37
C SER A 258 4.83 -0.63 7.83
N ASN A 259 4.63 0.66 8.12
CA ASN A 259 4.37 1.15 9.49
C ASN A 259 2.93 1.68 9.52
N HIS A 260 2.07 1.17 8.64
CA HIS A 260 0.62 1.50 8.63
C HIS A 260 0.46 3.00 8.36
N GLY A 261 1.29 3.56 7.48
CA GLY A 261 1.25 5.00 7.16
C GLY A 261 1.53 5.85 8.39
N ALA A 262 2.37 5.34 9.31
CA ALA A 262 2.79 6.01 10.56
C ALA A 262 1.61 6.25 11.51
N ARG A 263 0.58 5.40 11.47
CA ARG A 263 -0.66 5.58 12.25
C ARG A 263 -0.72 4.65 13.47
N GLN A 264 0.26 3.77 13.65
CA GLN A 264 0.22 2.78 14.76
C GLN A 264 1.20 3.22 15.84
N LEU A 265 2.40 2.67 15.86
CA LEU A 265 3.44 3.04 16.85
C LEU A 265 4.28 4.19 16.28
N ASP A 266 4.25 5.36 16.90
CA ASP A 266 5.09 6.48 16.47
C ASP A 266 6.51 6.24 16.95
N GLY A 267 7.50 6.66 16.16
CA GLY A 267 8.92 6.57 16.50
C GLY A 267 9.54 5.30 15.93
N VAL A 268 8.80 4.55 15.14
CA VAL A 268 9.40 3.48 14.28
C VAL A 268 10.12 4.17 13.13
N PRO A 269 11.08 3.48 12.49
CA PRO A 269 11.77 4.06 11.35
C PRO A 269 10.83 4.21 10.14
N ALA A 270 11.27 5.02 9.19
CA ALA A 270 10.67 5.11 7.86
C ALA A 270 10.76 3.74 7.19
N THR A 271 9.78 3.38 6.38
CA THR A 271 9.76 2.06 5.71
C THR A 271 10.94 1.96 4.75
N ILE A 272 11.32 3.04 4.08
CA ILE A 272 12.43 2.99 3.08
C ILE A 272 13.75 2.72 3.82
N ASP A 273 13.86 3.10 5.09
CA ASP A 273 15.10 2.89 5.88
C ASP A 273 15.19 1.43 6.36
N VAL A 274 14.04 0.79 6.61
CA VAL A 274 13.95 -0.61 7.12
C VAL A 274 14.01 -1.61 5.96
N LEU A 275 13.60 -1.20 4.75
CA LEU A 275 13.50 -2.08 3.57
C LEU A 275 14.78 -2.89 3.35
N PRO A 276 16.00 -2.30 3.30
CA PRO A 276 17.20 -3.08 3.00
C PRO A 276 17.42 -4.26 3.97
N GLU A 277 17.17 -4.04 5.27
N GLU A 277 17.17 -4.07 5.27
CA GLU A 277 17.28 -5.08 6.32
CA GLU A 277 17.34 -5.15 6.28
C GLU A 277 16.37 -6.26 5.98
C GLU A 277 16.36 -6.28 6.00
N ILE A 278 15.13 -5.96 5.59
CA ILE A 278 14.09 -6.99 5.34
C ILE A 278 14.46 -7.74 4.06
N VAL A 279 14.86 -7.01 3.02
CA VAL A 279 15.28 -7.67 1.75
C VAL A 279 16.44 -8.63 2.07
N GLU A 280 17.42 -8.20 2.85
CA GLU A 280 18.60 -9.02 3.22
C GLU A 280 18.11 -10.27 3.98
N ALA A 281 17.20 -10.08 4.95
CA ALA A 281 16.73 -11.14 5.86
C ALA A 281 15.99 -12.26 5.09
N VAL A 282 15.25 -11.97 4.03
CA VAL A 282 14.39 -13.01 3.39
C VAL A 282 15.20 -13.76 2.31
N GLU A 283 16.40 -13.28 1.97
CA GLU A 283 17.35 -14.03 1.11
C GLU A 283 16.66 -14.48 -0.19
N GLY A 284 15.81 -13.63 -0.78
CA GLY A 284 15.14 -13.90 -2.06
C GLY A 284 14.05 -14.95 -1.99
N LYS A 285 13.66 -15.41 -0.79
CA LYS A 285 12.69 -16.53 -0.66
C LYS A 285 11.27 -16.07 -0.98
N VAL A 286 10.96 -14.79 -0.72
CA VAL A 286 9.61 -14.22 -1.00
C VAL A 286 9.79 -12.78 -1.51
N GLU A 287 8.77 -12.26 -2.18
CA GLU A 287 8.76 -10.87 -2.67
C GLU A 287 8.62 -9.96 -1.43
N VAL A 288 9.28 -8.80 -1.50
CA VAL A 288 9.15 -7.76 -0.46
C VAL A 288 8.55 -6.52 -1.12
N PHE A 289 7.53 -5.96 -0.48
CA PHE A 289 6.82 -4.75 -0.96
C PHE A 289 7.04 -3.64 0.06
N LEU A 290 6.77 -2.40 -0.33
CA LEU A 290 6.86 -1.26 0.60
C LEU A 290 5.61 -0.39 0.48
N ASP A 291 5.17 0.20 1.59
CA ASP A 291 4.27 1.36 1.59
C ASP A 291 4.75 2.33 2.67
N GLY A 292 4.24 3.56 2.66
CA GLY A 292 4.59 4.58 3.64
C GLY A 292 5.39 5.67 2.99
N GLY A 293 4.73 6.77 2.63
CA GLY A 293 5.43 7.98 2.20
C GLY A 293 5.67 8.03 0.70
N VAL A 294 5.15 7.09 -0.08
CA VAL A 294 5.33 7.12 -1.56
C VAL A 294 4.46 8.23 -2.15
N ARG A 295 5.07 9.25 -2.73
CA ARG A 295 4.35 10.44 -3.27
C ARG A 295 4.85 10.79 -4.67
N LYS A 296 6.01 10.27 -5.08
CA LYS A 296 6.71 10.70 -6.31
C LYS A 296 7.27 9.49 -7.04
N GLY A 297 7.48 9.63 -8.35
CA GLY A 297 8.13 8.58 -9.16
C GLY A 297 9.50 8.19 -8.63
N THR A 298 10.30 9.14 -8.14
CA THR A 298 11.65 8.84 -7.61
C THR A 298 11.54 7.98 -6.33
N ASP A 299 10.45 8.11 -5.57
CA ASP A 299 10.24 7.26 -4.37
C ASP A 299 10.10 5.80 -4.82
N VAL A 300 9.31 5.56 -5.86
CA VAL A 300 9.11 4.21 -6.43
C VAL A 300 10.47 3.65 -6.88
N LEU A 301 11.23 4.45 -7.62
CA LEU A 301 12.55 4.04 -8.15
C LEU A 301 13.48 3.65 -6.98
N LYS A 302 13.54 4.45 -5.92
CA LYS A 302 14.43 4.16 -4.76
C LYS A 302 13.99 2.85 -4.10
N ALA A 303 12.69 2.62 -3.93
CA ALA A 303 12.21 1.38 -3.28
C ALA A 303 12.62 0.17 -4.14
N LEU A 304 12.44 0.23 -5.45
CA LEU A 304 12.82 -0.91 -6.32
C LEU A 304 14.34 -1.07 -6.31
N ALA A 305 15.13 0.01 -6.29
CA ALA A 305 16.60 -0.08 -6.27
C ALA A 305 17.04 -0.81 -5.00
N LEU A 306 16.33 -0.63 -3.89
CA LEU A 306 16.66 -1.27 -2.59
C LEU A 306 16.02 -2.66 -2.45
N GLY A 307 15.30 -3.13 -3.47
CA GLY A 307 14.95 -4.55 -3.62
C GLY A 307 13.47 -4.83 -3.44
N ALA A 308 12.62 -3.80 -3.27
CA ALA A 308 11.16 -4.00 -3.26
C ALA A 308 10.71 -4.40 -4.66
N LYS A 309 9.71 -5.29 -4.76
CA LYS A 309 9.12 -5.70 -6.06
C LYS A 309 8.16 -4.63 -6.55
N ALA A 310 7.44 -4.01 -5.63
CA ALA A 310 6.40 -3.02 -5.93
C ALA A 310 6.14 -2.23 -4.66
N VAL A 311 5.48 -1.09 -4.84
CA VAL A 311 5.08 -0.23 -3.70
C VAL A 311 3.57 -0.06 -3.71
N PHE A 312 3.02 0.27 -2.55
CA PHE A 312 1.58 0.56 -2.37
C PHE A 312 1.44 2.00 -1.92
N VAL A 313 0.36 2.64 -2.35
CA VAL A 313 0.02 4.04 -1.94
C VAL A 313 -1.31 3.99 -1.22
N GLY A 314 -1.37 4.63 -0.05
CA GLY A 314 -2.61 4.78 0.72
C GLY A 314 -3.24 6.14 0.51
N ARG A 315 -2.71 7.15 1.17
CA ARG A 315 -3.34 8.49 1.23
C ARG A 315 -3.52 9.08 -0.17
N PRO A 316 -2.55 8.97 -1.11
CA PRO A 316 -2.73 9.57 -2.44
C PRO A 316 -4.05 9.14 -3.10
N ILE A 317 -4.48 7.89 -2.87
CA ILE A 317 -5.72 7.35 -3.49
C ILE A 317 -6.93 8.08 -2.89
N VAL A 318 -6.93 8.29 -1.59
CA VAL A 318 -8.04 9.00 -0.89
C VAL A 318 -8.11 10.44 -1.42
N TRP A 319 -6.96 11.09 -1.63
CA TRP A 319 -6.96 12.47 -2.18
C TRP A 319 -7.54 12.46 -3.61
N GLY A 320 -7.22 11.44 -4.41
CA GLY A 320 -7.80 11.25 -5.75
C GLY A 320 -9.32 11.15 -5.67
N LEU A 321 -9.82 10.28 -4.79
CA LEU A 321 -11.28 10.09 -4.56
C LEU A 321 -11.93 11.42 -4.20
N ALA A 322 -11.32 12.16 -3.25
CA ALA A 322 -11.84 13.45 -2.75
C ALA A 322 -11.94 14.46 -3.90
N PHE A 323 -11.01 14.43 -4.85
CA PHE A 323 -11.01 15.35 -6.01
C PHE A 323 -12.16 15.01 -6.96
N GLN A 324 -12.23 13.76 -7.44
CA GLN A 324 -13.18 13.39 -8.53
C GLN A 324 -13.38 11.88 -8.63
N GLY A 325 -13.54 11.19 -7.49
CA GLY A 325 -13.88 9.76 -7.48
C GLY A 325 -12.98 8.98 -8.42
N GLU A 326 -13.56 8.19 -9.33
CA GLU A 326 -12.80 7.27 -10.21
C GLU A 326 -11.78 8.06 -11.03
N LYS A 327 -12.19 9.19 -11.63
CA LYS A 327 -11.29 10.00 -12.51
C LYS A 327 -10.13 10.55 -11.67
N GLY A 328 -10.39 10.94 -10.42
CA GLY A 328 -9.36 11.45 -9.50
C GLY A 328 -8.34 10.35 -9.17
N VAL A 329 -8.79 9.13 -8.87
CA VAL A 329 -7.86 8.00 -8.57
C VAL A 329 -7.03 7.71 -9.82
N GLN A 330 -7.68 7.66 -10.98
CA GLN A 330 -7.01 7.39 -12.27
C GLN A 330 -5.93 8.45 -12.49
N ASP A 331 -6.25 9.72 -12.24
CA ASP A 331 -5.32 10.86 -12.41
C ASP A 331 -4.11 10.72 -11.48
N VAL A 332 -4.34 10.42 -10.20
CA VAL A 332 -3.24 10.20 -9.20
C VAL A 332 -2.33 9.07 -9.70
N LEU A 333 -2.93 7.95 -10.08
CA LEU A 333 -2.16 6.76 -10.53
C LEU A 333 -1.41 7.09 -11.83
N GLU A 334 -2.00 7.88 -12.72
CA GLU A 334 -1.35 8.28 -13.99
C GLU A 334 -0.18 9.23 -13.71
N ILE A 335 -0.32 10.13 -12.73
CA ILE A 335 0.78 11.04 -12.32
C ILE A 335 1.95 10.20 -11.78
N LEU A 336 1.68 9.23 -10.91
CA LEU A 336 2.76 8.39 -10.33
C LEU A 336 3.41 7.58 -11.44
N LYS A 337 2.61 7.02 -12.35
CA LYS A 337 3.11 6.23 -13.50
C LYS A 337 4.06 7.08 -14.34
N GLU A 338 3.63 8.30 -14.73
CA GLU A 338 4.43 9.19 -15.60
C GLU A 338 5.69 9.65 -14.85
N GLU A 339 5.58 9.99 -13.57
CA GLU A 339 6.77 10.39 -12.77
C GLU A 339 7.76 9.22 -12.72
N PHE A 340 7.26 8.01 -12.53
CA PHE A 340 8.12 6.81 -12.41
C PHE A 340 8.78 6.55 -13.77
N ARG A 341 8.03 6.65 -14.87
N ARG A 341 8.02 6.64 -14.86
CA ARG A 341 8.61 6.46 -16.23
CA ARG A 341 8.58 6.48 -16.23
C ARG A 341 9.75 7.46 -16.42
C ARG A 341 9.74 7.45 -16.42
N LEU A 342 9.54 8.72 -16.06
CA LEU A 342 10.59 9.76 -16.29
C LEU A 342 11.79 9.46 -15.39
N ALA A 343 11.57 9.07 -14.14
CA ALA A 343 12.66 8.76 -13.18
C ALA A 343 13.47 7.58 -13.74
N MET A 344 12.79 6.56 -14.26
CA MET A 344 13.48 5.38 -14.86
C MET A 344 14.33 5.84 -16.04
N ALA A 345 13.73 6.61 -16.95
CA ALA A 345 14.39 7.05 -18.20
C ALA A 345 15.63 7.90 -17.85
N LEU A 346 15.49 8.85 -16.92
CA LEU A 346 16.60 9.77 -16.59
C LEU A 346 17.69 9.01 -15.84
N SER A 347 17.39 7.86 -15.23
CA SER A 347 18.37 7.07 -14.43
C SER A 347 19.00 5.97 -15.31
N GLY A 348 18.55 5.85 -16.55
CA GLY A 348 19.11 4.94 -17.57
C GLY A 348 18.50 3.56 -17.53
N CYS A 349 17.28 3.42 -16.99
CA CYS A 349 16.59 2.11 -16.82
C CYS A 349 15.46 1.96 -17.86
N GLN A 350 15.61 1.06 -18.83
N GLN A 350 15.62 1.03 -18.80
CA GLN A 350 14.57 0.84 -19.88
CA GLN A 350 14.67 0.76 -19.90
C GLN A 350 13.48 -0.07 -19.34
C GLN A 350 13.54 -0.14 -19.40
N ASN A 351 13.76 -0.86 -18.28
CA ASN A 351 12.75 -1.77 -17.67
C ASN A 351 13.06 -1.99 -16.19
N VAL A 352 12.16 -2.62 -15.44
CA VAL A 352 12.32 -2.71 -13.96
C VAL A 352 13.41 -3.72 -13.61
N LYS A 353 13.74 -4.65 -14.51
CA LYS A 353 14.74 -5.72 -14.23
C LYS A 353 16.15 -5.13 -14.15
N VAL A 354 16.39 -3.96 -14.72
CA VAL A 354 17.75 -3.34 -14.72
C VAL A 354 17.87 -2.28 -13.63
N ILE A 355 16.83 -2.08 -12.80
CA ILE A 355 16.92 -1.21 -11.59
C ILE A 355 17.73 -1.97 -10.54
N ASP A 356 18.92 -1.47 -10.18
CA ASP A 356 19.89 -2.20 -9.32
C ASP A 356 20.29 -1.33 -8.12
N LYS A 357 20.95 -1.96 -7.14
CA LYS A 357 21.33 -1.34 -5.84
C LYS A 357 22.27 -0.16 -6.07
N THR A 358 23.08 -0.14 -7.14
CA THR A 358 24.09 0.94 -7.36
C THR A 358 23.40 2.25 -7.75
N LEU A 359 22.11 2.24 -8.06
CA LEU A 359 21.40 3.51 -8.37
C LEU A 359 21.22 4.37 -7.11
N VAL A 360 21.34 3.84 -5.90
CA VAL A 360 21.02 4.62 -4.67
C VAL A 360 22.16 4.51 -3.64
N ARG A 361 22.37 5.57 -2.88
CA ARG A 361 23.26 5.60 -1.67
C ARG A 361 22.68 6.58 -0.66
N LYS A 362 22.74 6.25 0.64
CA LYS A 362 22.22 7.15 1.71
C LYS A 362 23.35 8.02 2.27
N1 FMN B . -4.19 -0.65 6.51
C2 FMN B . -4.86 -1.82 6.63
O2 FMN B . -4.21 -2.90 6.65
N3 FMN B . -6.22 -1.86 6.71
C4 FMN B . -6.96 -0.75 6.68
O4 FMN B . -8.19 -0.79 6.76
C4A FMN B . -6.29 0.55 6.58
N5 FMN B . -6.99 1.70 6.59
C5A FMN B . -6.35 2.86 6.44
C6 FMN B . -7.08 4.05 6.39
C7 FMN B . -6.41 5.24 6.24
C7M FMN B . -7.19 6.52 6.20
C8 FMN B . -4.95 5.31 6.11
C8M FMN B . -4.25 6.63 5.94
C9 FMN B . -4.21 4.13 6.13
C9A FMN B . -4.87 2.91 6.30
N10 FMN B . -4.14 1.71 6.34
C10 FMN B . -4.83 0.51 6.45
C1' FMN B . -2.70 1.68 6.17
C2' FMN B . -2.48 1.66 4.65
O2' FMN B . -2.83 0.39 4.09
C3' FMN B . -1.03 1.91 4.24
O3' FMN B . -0.12 1.09 5.01
C4' FMN B . -0.62 3.36 4.39
O4' FMN B . -1.66 4.27 4.01
C5' FMN B . 0.60 3.64 3.54
O5' FMN B . 1.16 4.94 3.73
P FMN B . 0.82 6.23 2.81
O1P FMN B . 0.82 5.83 1.35
O2P FMN B . -0.57 6.65 3.23
O3P FMN B . 1.89 7.22 3.22
C1 SL7 C . -13.88 9.80 9.91
C2 SL7 C . -13.01 9.55 12.18
C3 SL7 C . -12.35 7.73 12.82
C7 SL7 C . -11.55 3.55 12.86
C8 SL7 C . -12.13 4.13 11.74
C9 SL7 C . -12.51 3.36 10.50
C10 SL7 C . -11.01 1.37 10.37
C11 SL7 C . -9.86 2.17 10.26
C12 SL7 C . -8.62 1.55 10.10
C13 SL7 C . -8.55 0.15 10.06
C14 SL7 C . -7.26 1.98 9.99
C15 SL7 C . -6.66 3.33 10.01
C16 SL7 C . -9.69 -0.64 10.15
O2 SL7 C . -5.44 3.47 9.98
O1 SL7 C . -7.50 4.33 10.06
N5 SL7 C . -6.44 0.94 9.88
N4 SL7 C . -7.24 -0.17 9.93
C17 SL7 C . -10.91 -0.02 10.32
N3 SL7 C . -12.26 1.93 10.54
C6 SL7 C . -11.20 4.32 13.96
C5 SL7 C . -11.42 5.69 13.97
C18 SL7 C . -12.36 5.51 11.76
O3 SL7 C . -12.91 6.04 10.65
C4 SL7 C . -12.02 6.30 12.87
O SL7 C . -12.01 8.62 13.78
N1 SL7 C . -12.49 9.89 13.32
N2 SL7 C . -12.96 8.26 11.82
N SL7 C . -13.57 10.32 11.24
C SL7 C . -13.90 11.72 11.46
#